data_9R3E
#
_entry.id   9R3E
#
_cell.length_a   1.00
_cell.length_b   1.00
_cell.length_c   1.00
_cell.angle_alpha   90.00
_cell.angle_beta   90.00
_cell.angle_gamma   90.00
#
_symmetry.space_group_name_H-M   'P 1'
#
_entity_poly.entity_id   1
_entity_poly.type   'polypeptide(L)'
_entity_poly.pdbx_seq_one_letter_code
;PRKLLPSLKTKKPRELVLVIGTGISAAVAPQVPALKSWKGLIQALLDAAIDFDLLEDEESKKFQKCLHEDKNLVHVAHDL
IQKLSPRTSNVRSTFFKDCLYEVFDDLESKMEDSGKQLLQSVLHLMENGALVLTTNFDNLLELYAADQGKQLESLDLTDE
KKVLEWAQEKRKLSVLHIHGVYTNPSGIVLHPAGYQNVLRNTEVMREIQKLYENKSFLFLGCGWTVDDTTFQALFLEAVK
HKSDLEHFMLVRRGDVDEFKKLRENMLDKGIKVISYGDDYADLPEYFKRLTCEISTRG
;
_entity_poly.pdbx_strand_id   B,C
#
# COMPACT_ATOMS: atom_id res chain seq x y z
N PRO A 1 17.04 -24.62 37.80
CA PRO A 1 17.30 -23.94 36.53
C PRO A 1 18.71 -23.38 36.46
N ARG A 2 18.89 -22.27 35.74
CA ARG A 2 20.19 -21.67 35.48
C ARG A 2 20.28 -20.35 36.23
N LYS A 3 21.18 -20.27 37.19
CA LYS A 3 21.21 -19.14 38.11
C LYS A 3 21.80 -17.91 37.41
N LEU A 4 22.02 -16.85 38.20
CA LEU A 4 22.44 -15.56 37.67
C LEU A 4 23.80 -15.68 37.00
N LEU A 5 24.00 -14.92 35.92
CA LEU A 5 25.23 -15.01 35.16
C LEU A 5 26.36 -14.38 35.97
N PRO A 6 27.53 -15.03 36.09
CA PRO A 6 28.56 -14.49 37.00
C PRO A 6 29.02 -13.10 36.62
N SER A 7 29.42 -12.92 35.37
CA SER A 7 29.86 -11.63 34.87
C SER A 7 28.75 -10.58 34.84
N LEU A 8 27.58 -10.93 34.30
CA LEU A 8 26.54 -9.93 34.01
C LEU A 8 26.12 -9.16 35.25
N LYS A 9 26.08 -9.83 36.40
CA LYS A 9 25.54 -9.20 37.61
C LYS A 9 26.23 -7.89 37.94
N THR A 10 27.55 -7.82 37.80
CA THR A 10 28.31 -6.67 38.23
C THR A 10 28.40 -5.57 37.18
N LYS A 11 27.95 -5.82 35.95
CA LYS A 11 27.93 -4.78 34.92
C LYS A 11 26.83 -3.77 35.18
N LYS A 12 27.24 -2.50 35.22
CA LYS A 12 26.31 -1.39 35.29
C LYS A 12 25.54 -1.29 33.97
N PRO A 13 24.22 -1.05 34.03
CA PRO A 13 23.41 -1.09 32.78
C PRO A 13 23.81 -0.08 31.72
N ARG A 14 24.63 0.92 32.00
CA ARG A 14 25.01 1.86 30.95
C ARG A 14 25.92 1.14 29.94
N GLU A 15 26.92 0.39 30.43
CA GLU A 15 27.77 -0.49 29.63
C GLU A 15 27.00 -1.52 28.82
N LEU A 16 25.79 -1.86 29.21
CA LEU A 16 25.05 -2.91 28.52
C LEU A 16 24.43 -2.39 27.24
N VAL A 17 24.72 -3.06 26.13
CA VAL A 17 24.16 -2.73 24.82
C VAL A 17 23.46 -4.00 24.34
N LEU A 18 22.14 -4.02 24.44
CA LEU A 18 21.36 -5.19 24.06
C LEU A 18 21.21 -5.27 22.54
N VAL A 19 21.36 -6.48 22.01
CA VAL A 19 21.15 -6.77 20.59
C VAL A 19 20.09 -7.86 20.50
N ILE A 20 19.08 -7.64 19.66
CA ILE A 20 17.99 -8.59 19.48
C ILE A 20 18.00 -9.08 18.04
N GLY A 21 17.78 -10.38 17.87
CA GLY A 21 17.81 -10.98 16.55
C GLY A 21 16.54 -11.74 16.21
N THR A 22 16.68 -12.84 15.47
CA THR A 22 15.52 -13.61 15.05
C THR A 22 14.91 -14.41 16.19
N GLY A 23 15.66 -14.63 17.28
CA GLY A 23 15.11 -15.39 18.40
C GLY A 23 13.96 -14.66 19.08
N ILE A 24 14.12 -13.35 19.30
CA ILE A 24 13.06 -12.58 19.94
C ILE A 24 11.85 -12.45 19.04
N SER A 25 12.09 -12.27 17.74
CA SER A 25 10.98 -12.22 16.80
C SER A 25 10.26 -13.55 16.70
N ALA A 26 10.99 -14.66 16.88
CA ALA A 26 10.37 -15.98 16.93
C ALA A 26 9.69 -16.26 18.26
N ALA A 27 10.06 -15.52 19.31
CA ALA A 27 9.33 -15.62 20.58
C ALA A 27 7.89 -15.15 20.41
N VAL A 28 7.66 -14.16 19.54
CA VAL A 28 6.30 -13.82 19.15
C VAL A 28 5.67 -15.03 18.48
N ALA A 29 4.34 -15.15 18.62
CA ALA A 29 3.55 -16.27 18.09
C ALA A 29 3.95 -16.58 16.65
N PRO A 30 4.54 -17.75 16.40
CA PRO A 30 5.17 -18.02 15.09
C PRO A 30 4.18 -18.45 14.00
N GLN A 31 3.30 -17.54 13.59
CA GLN A 31 2.49 -17.86 12.42
C GLN A 31 2.69 -16.90 11.26
N VAL A 32 3.23 -15.72 11.47
CA VAL A 32 3.69 -14.92 10.33
C VAL A 32 4.97 -15.57 9.78
N PRO A 33 5.08 -15.76 8.47
CA PRO A 33 6.32 -16.35 7.93
C PRO A 33 7.55 -15.51 8.21
N ALA A 34 7.36 -14.19 8.36
CA ALA A 34 8.49 -13.28 8.49
C ALA A 34 9.28 -13.46 9.77
N LEU A 35 8.67 -13.99 10.84
CA LEU A 35 9.33 -13.96 12.13
C LEU A 35 9.75 -15.32 12.66
N LYS A 36 9.30 -16.42 12.05
CA LYS A 36 9.76 -17.73 12.51
C LYS A 36 11.26 -17.90 12.32
N SER A 37 11.78 -17.47 11.18
CA SER A 37 13.22 -17.58 10.92
C SER A 37 13.59 -16.60 9.81
N TRP A 38 14.89 -16.35 9.69
CA TRP A 38 15.39 -15.56 8.57
C TRP A 38 15.03 -16.18 7.23
N LYS A 39 15.14 -17.50 7.14
CA LYS A 39 14.65 -18.17 5.93
C LYS A 39 13.21 -17.75 5.68
N GLY A 40 12.34 -17.95 6.67
CA GLY A 40 10.93 -17.57 6.56
C GLY A 40 10.67 -16.15 6.08
N LEU A 41 11.60 -15.21 6.32
CA LEU A 41 11.40 -13.85 5.85
C LEU A 41 11.32 -13.79 4.32
N ILE A 42 12.31 -14.36 3.64
CA ILE A 42 12.36 -14.21 2.18
C ILE A 42 11.19 -14.94 1.52
N GLN A 43 10.66 -16.00 2.13
CA GLN A 43 9.50 -16.68 1.55
C GLN A 43 8.25 -15.85 1.74
N ALA A 44 8.18 -15.14 2.87
CA ALA A 44 7.09 -14.20 3.05
C ALA A 44 7.13 -13.11 1.99
N LEU A 45 8.33 -12.56 1.72
CA LEU A 45 8.44 -11.57 0.65
C LEU A 45 8.12 -12.17 -0.71
N LEU A 46 8.56 -13.41 -0.95
CA LEU A 46 8.26 -14.10 -2.20
C LEU A 46 6.76 -14.33 -2.36
N ASP A 47 6.08 -14.77 -1.30
CA ASP A 47 4.64 -14.96 -1.36
C ASP A 47 3.94 -13.64 -1.61
N ALA A 48 4.42 -12.57 -0.97
CA ALA A 48 3.85 -11.24 -1.19
C ALA A 48 4.07 -10.77 -2.63
N ALA A 49 5.22 -11.14 -3.21
CA ALA A 49 5.50 -10.75 -4.59
C ALA A 49 4.65 -11.52 -5.58
N ILE A 50 4.38 -12.80 -5.31
CA ILE A 50 3.55 -13.59 -6.21
C ILE A 50 2.11 -13.09 -6.21
N ASP A 51 1.55 -12.86 -5.02
CA ASP A 51 0.13 -12.51 -4.97
C ASP A 51 -0.13 -11.07 -5.38
N PHE A 52 0.87 -10.19 -5.34
CA PHE A 52 0.69 -8.81 -5.76
C PHE A 52 1.31 -8.56 -7.13
N ASP A 53 1.98 -9.57 -7.71
CA ASP A 53 2.42 -9.57 -9.10
C ASP A 53 3.44 -8.47 -9.39
N LEU A 54 4.41 -8.30 -8.47
CA LEU A 54 5.58 -7.50 -8.77
C LEU A 54 6.52 -8.19 -9.74
N LEU A 55 6.71 -9.49 -9.58
CA LEU A 55 7.57 -10.27 -10.46
C LEU A 55 6.72 -11.25 -11.26
N GLU A 56 7.14 -11.50 -12.49
CA GLU A 56 6.41 -12.44 -13.32
C GLU A 56 6.62 -13.86 -12.81
N ASP A 57 5.96 -14.81 -13.47
CA ASP A 57 5.96 -16.19 -12.99
C ASP A 57 7.37 -16.78 -13.01
N GLU A 58 8.16 -16.50 -14.05
CA GLU A 58 9.47 -17.12 -14.16
C GLU A 58 10.46 -16.56 -13.15
N GLU A 59 10.41 -15.26 -12.86
CA GLU A 59 11.28 -14.73 -11.81
C GLU A 59 10.94 -15.30 -10.45
N SER A 60 9.65 -15.37 -10.13
CA SER A 60 9.25 -16.01 -8.88
C SER A 60 9.66 -17.48 -8.86
N LYS A 61 9.67 -18.13 -10.02
CA LYS A 61 10.14 -19.52 -10.09
C LYS A 61 11.63 -19.62 -9.81
N LYS A 62 12.44 -18.71 -10.36
CA LYS A 62 13.87 -18.71 -10.06
C LYS A 62 14.09 -18.47 -8.57
N PHE A 63 13.42 -17.45 -8.03
CA PHE A 63 13.48 -17.18 -6.59
C PHE A 63 13.05 -18.35 -5.75
N GLN A 64 12.02 -19.06 -6.15
CA GLN A 64 11.67 -20.28 -5.44
C GLN A 64 12.78 -21.33 -5.58
N LYS A 65 13.39 -21.39 -6.76
CA LYS A 65 14.43 -22.39 -7.02
C LYS A 65 15.64 -22.20 -6.13
N CYS A 66 15.94 -20.96 -5.73
CA CYS A 66 17.09 -20.81 -4.83
C CYS A 66 16.79 -21.44 -3.47
N LEU A 67 15.52 -21.50 -3.09
CA LEU A 67 15.14 -21.93 -1.74
C LEU A 67 15.51 -23.38 -1.46
N HIS A 68 15.13 -24.28 -2.35
CA HIS A 68 15.29 -25.70 -2.13
C HIS A 68 16.77 -26.04 -1.96
N GLU A 69 17.57 -25.82 -3.01
CA GLU A 69 19.03 -25.92 -2.88
C GLU A 69 19.56 -24.51 -2.70
N ASP A 70 19.78 -24.13 -1.44
CA ASP A 70 20.08 -22.75 -1.10
C ASP A 70 21.57 -22.54 -0.81
N LYS A 71 21.92 -21.26 -0.80
CA LYS A 71 23.19 -20.67 -0.39
C LYS A 71 22.99 -19.17 -0.55
N ASN A 72 23.99 -18.40 -0.11
CA ASN A 72 24.06 -16.93 -0.22
C ASN A 72 22.71 -16.25 0.01
N LEU A 73 22.19 -16.40 1.23
CA LEU A 73 20.88 -15.86 1.57
C LEU A 73 20.86 -14.34 1.56
N VAL A 74 21.89 -13.70 2.12
CA VAL A 74 21.95 -12.24 2.08
C VAL A 74 22.14 -11.76 0.64
N HIS A 75 22.90 -12.51 -0.16
CA HIS A 75 23.09 -12.13 -1.56
C HIS A 75 21.77 -12.18 -2.31
N VAL A 76 20.96 -13.23 -2.07
CA VAL A 76 19.69 -13.34 -2.78
C VAL A 76 18.71 -12.26 -2.29
N ALA A 77 18.76 -11.91 -1.00
CA ALA A 77 17.90 -10.83 -0.52
C ALA A 77 18.28 -9.50 -1.19
N HIS A 78 19.58 -9.22 -1.33
CA HIS A 78 19.99 -8.10 -2.16
C HIS A 78 19.57 -8.21 -3.62
N ASP A 79 19.60 -9.40 -4.21
CA ASP A 79 19.12 -9.48 -5.59
C ASP A 79 17.64 -9.13 -5.67
N LEU A 80 16.88 -9.53 -4.65
CA LEU A 80 15.47 -9.12 -4.57
C LEU A 80 15.35 -7.60 -4.44
N ILE A 81 16.18 -6.99 -3.59
CA ILE A 81 16.13 -5.54 -3.40
C ILE A 81 16.43 -4.83 -4.72
N GLN A 82 17.45 -5.28 -5.44
CA GLN A 82 17.83 -4.60 -6.67
C GLN A 82 16.76 -4.77 -7.74
N LYS A 83 16.17 -5.97 -7.86
CA LYS A 83 15.20 -6.06 -8.94
C LYS A 83 13.85 -5.48 -8.57
N LEU A 84 13.57 -5.23 -7.29
CA LEU A 84 12.33 -4.53 -6.95
C LEU A 84 12.53 -3.02 -6.93
N SER A 85 13.69 -2.53 -7.37
CA SER A 85 13.96 -1.08 -7.40
C SER A 85 14.20 -0.56 -8.83
N PRO A 86 13.20 -0.65 -9.71
CA PRO A 86 13.24 0.19 -10.93
C PRO A 86 12.51 1.52 -10.81
N ARG A 87 12.13 1.93 -9.60
CA ARG A 87 11.24 3.07 -9.42
C ARG A 87 11.88 4.34 -9.95
N THR A 88 11.03 5.32 -10.25
CA THR A 88 11.47 6.64 -10.63
C THR A 88 11.28 7.58 -9.44
N SER A 89 12.34 8.28 -9.05
CA SER A 89 12.35 9.13 -7.87
C SER A 89 11.76 8.40 -6.67
N ASN A 90 10.60 8.84 -6.16
CA ASN A 90 9.94 8.18 -5.05
C ASN A 90 8.77 7.31 -5.49
N VAL A 91 7.81 7.90 -6.23
CA VAL A 91 6.56 7.28 -6.68
C VAL A 91 5.98 6.28 -5.68
N ARG A 92 6.08 6.59 -4.39
CA ARG A 92 5.56 5.79 -3.28
C ARG A 92 5.68 4.31 -3.56
N SER A 93 6.92 3.88 -3.83
CA SER A 93 7.20 2.67 -4.59
C SER A 93 6.29 1.52 -4.23
N THR A 94 5.47 1.09 -5.18
CA THR A 94 4.61 -0.07 -4.97
C THR A 94 5.42 -1.36 -4.97
N PHE A 95 6.62 -1.35 -5.55
CA PHE A 95 7.48 -2.51 -5.54
C PHE A 95 8.13 -2.74 -4.17
N PHE A 96 8.38 -1.69 -3.40
CA PHE A 96 8.88 -1.81 -2.02
C PHE A 96 7.79 -1.64 -0.97
N LYS A 97 7.12 -0.48 -0.92
CA LYS A 97 6.23 -0.20 0.20
C LYS A 97 5.12 -1.24 0.28
N ASP A 98 4.47 -1.50 -0.84
CA ASP A 98 3.36 -2.45 -0.92
C ASP A 98 3.83 -3.89 -0.83
N CYS A 99 5.09 -4.15 -0.49
CA CYS A 99 5.55 -5.50 -0.21
C CYS A 99 6.02 -5.64 1.23
N LEU A 100 6.96 -4.79 1.67
CA LEU A 100 7.42 -4.85 3.05
C LEU A 100 6.30 -4.48 4.02
N TYR A 101 5.49 -3.48 3.68
CA TYR A 101 4.41 -3.09 4.57
C TYR A 101 3.26 -4.07 4.56
N GLU A 102 3.23 -4.99 3.59
CA GLU A 102 2.33 -6.14 3.66
C GLU A 102 2.91 -7.22 4.56
N VAL A 103 4.21 -7.52 4.39
CA VAL A 103 4.81 -8.65 5.10
C VAL A 103 4.93 -8.37 6.59
N PHE A 104 5.39 -7.18 6.95
CA PHE A 104 5.78 -6.89 8.33
C PHE A 104 4.67 -6.31 9.19
N ASP A 105 3.45 -6.25 8.67
CA ASP A 105 2.30 -5.89 9.49
C ASP A 105 1.53 -7.15 9.88
N ASP A 106 0.34 -6.94 10.42
CA ASP A 106 -0.41 -8.03 11.05
C ASP A 106 0.45 -8.71 12.09
N LEU A 107 1.24 -7.95 12.86
CA LEU A 107 2.15 -8.51 13.87
C LEU A 107 1.61 -8.35 15.28
N GLU A 108 1.03 -7.18 15.57
CA GLU A 108 0.51 -6.89 16.90
C GLU A 108 -0.67 -7.78 17.26
N SER A 109 -1.41 -8.28 16.27
CA SER A 109 -2.58 -9.10 16.56
C SER A 109 -2.23 -10.44 17.18
N LYS A 110 -0.95 -10.82 17.18
CA LYS A 110 -0.52 -12.14 17.63
C LYS A 110 0.48 -12.02 18.78
N MET A 111 0.25 -11.04 19.64
CA MET A 111 1.21 -10.71 20.68
C MET A 111 0.70 -11.28 21.99
N GLU A 112 1.56 -12.03 22.67
CA GLU A 112 1.20 -12.71 23.91
C GLU A 112 2.20 -12.34 25.00
N ASP A 113 1.92 -12.80 26.22
CA ASP A 113 2.75 -12.43 27.36
C ASP A 113 4.15 -13.05 27.29
N SER A 114 4.28 -14.22 26.67
CA SER A 114 5.56 -14.91 26.65
C SER A 114 6.61 -14.13 25.87
N GLY A 115 6.19 -13.39 24.85
CA GLY A 115 7.09 -12.48 24.17
C GLY A 115 7.05 -11.10 24.80
N LYS A 116 5.95 -10.80 25.52
CA LYS A 116 5.79 -9.49 26.13
C LYS A 116 6.81 -9.25 27.23
N GLN A 117 7.14 -10.28 28.00
CA GLN A 117 8.12 -10.09 29.07
C GLN A 117 9.47 -9.66 28.51
N LEU A 118 9.86 -10.18 27.33
CA LEU A 118 11.15 -9.79 26.76
C LEU A 118 11.22 -8.28 26.56
N LEU A 119 10.24 -7.73 25.86
CA LEU A 119 10.26 -6.31 25.54
C LEU A 119 9.97 -5.43 26.74
N GLN A 120 9.26 -5.94 27.74
CA GLN A 120 8.98 -5.09 28.90
C GLN A 120 10.24 -4.96 29.76
N SER A 121 11.00 -6.06 29.90
CA SER A 121 12.34 -5.93 30.46
C SER A 121 13.25 -5.10 29.56
N VAL A 122 13.07 -5.15 28.24
CA VAL A 122 13.82 -4.24 27.36
C VAL A 122 13.52 -2.78 27.72
N LEU A 123 12.25 -2.49 28.02
CA LEU A 123 11.87 -1.15 28.40
C LEU A 123 12.53 -0.75 29.71
N HIS A 124 12.60 -1.69 30.66
CA HIS A 124 13.42 -1.49 31.86
C HIS A 124 14.87 -1.14 31.54
N LEU A 125 15.50 -1.89 30.65
CA LEU A 125 16.88 -1.57 30.30
C LEU A 125 16.99 -0.18 29.70
N MET A 126 16.01 0.22 28.90
CA MET A 126 16.05 1.55 28.31
C MET A 126 15.91 2.64 29.37
N GLU A 127 14.99 2.45 30.33
CA GLU A 127 14.84 3.45 31.37
C GLU A 127 16.00 3.44 32.35
N ASN A 128 16.78 2.36 32.40
CA ASN A 128 18.10 2.45 33.02
C ASN A 128 19.03 3.34 32.20
N GLY A 129 18.99 3.20 30.87
CA GLY A 129 19.83 4.01 30.02
C GLY A 129 20.65 3.19 29.04
N ALA A 130 20.31 1.92 28.92
CA ALA A 130 21.03 1.02 28.04
C ALA A 130 20.75 1.36 26.58
N LEU A 131 21.61 0.87 25.72
CA LEU A 131 21.51 1.11 24.29
C LEU A 131 21.09 -0.20 23.63
N VAL A 132 20.19 -0.11 22.66
CA VAL A 132 19.74 -1.32 21.95
C VAL A 132 19.69 -1.07 20.46
N LEU A 133 20.22 -2.05 19.70
CA LEU A 133 20.14 -2.09 18.25
C LEU A 133 19.52 -3.41 17.85
N THR A 134 18.93 -3.45 16.67
CA THR A 134 18.21 -4.64 16.26
C THR A 134 18.73 -5.08 14.89
N THR A 135 18.46 -6.35 14.56
CA THR A 135 18.91 -6.92 13.29
C THR A 135 17.77 -7.35 12.40
N ASN A 136 16.53 -6.97 12.69
CA ASN A 136 15.38 -7.41 11.92
C ASN A 136 14.57 -6.21 11.48
N PHE A 137 13.77 -6.40 10.44
CA PHE A 137 13.05 -5.28 9.84
C PHE A 137 11.85 -4.85 10.66
N ASP A 138 11.45 -5.65 11.64
CA ASP A 138 10.20 -5.41 12.33
C ASP A 138 10.30 -4.18 13.23
N ASN A 139 9.13 -3.66 13.60
CA ASN A 139 9.04 -2.54 14.52
C ASN A 139 8.05 -2.87 15.64
N LEU A 140 7.86 -4.16 15.91
CA LEU A 140 6.94 -4.56 16.96
C LEU A 140 7.40 -4.04 18.32
N LEU A 141 8.70 -4.06 18.57
CA LEU A 141 9.21 -3.63 19.86
C LEU A 141 8.89 -2.17 20.12
N GLU A 142 9.13 -1.31 19.14
CA GLU A 142 8.85 0.11 19.33
C GLU A 142 7.35 0.36 19.37
N LEU A 143 6.58 -0.42 18.61
CA LEU A 143 5.12 -0.27 18.62
C LEU A 143 4.56 -0.55 20.02
N TYR A 144 4.93 -1.68 20.61
CA TYR A 144 4.41 -1.97 21.94
C TYR A 144 5.10 -1.14 23.02
N ALA A 145 6.29 -0.60 22.75
CA ALA A 145 6.86 0.41 23.63
C ALA A 145 5.98 1.65 23.67
N ALA A 146 5.51 2.09 22.51
CA ALA A 146 4.55 3.17 22.42
C ALA A 146 3.17 2.77 22.93
N ASP A 147 2.91 1.46 23.10
CA ASP A 147 1.61 1.03 23.59
C ASP A 147 1.35 1.58 25.00
N GLN A 148 2.29 1.39 25.93
CA GLN A 148 2.01 1.88 27.28
C GLN A 148 2.23 3.37 27.41
N GLY A 149 2.86 4.00 26.43
CA GLY A 149 3.07 5.44 26.46
C GLY A 149 4.52 5.88 26.34
N LYS A 150 5.49 4.99 26.18
CA LYS A 150 6.87 5.39 26.01
C LYS A 150 7.16 5.49 24.51
N GLN A 151 7.50 6.68 24.05
CA GLN A 151 7.76 6.89 22.63
C GLN A 151 9.16 6.39 22.29
N LEU A 152 9.24 5.56 21.25
CA LEU A 152 10.50 5.00 20.78
C LEU A 152 10.56 5.10 19.27
N GLU A 153 11.63 5.72 18.78
CA GLU A 153 11.79 6.03 17.37
C GLU A 153 12.63 4.97 16.67
N SER A 154 12.38 4.79 15.37
CA SER A 154 13.12 3.83 14.57
C SER A 154 14.21 4.57 13.79
N LEU A 155 15.45 4.12 13.93
CA LEU A 155 16.55 4.79 13.25
C LEU A 155 17.25 3.81 12.33
N ASP A 156 17.94 4.39 11.33
CA ASP A 156 18.58 3.64 10.27
C ASP A 156 19.93 4.30 9.95
N LEU A 157 20.60 3.77 8.93
CA LEU A 157 21.92 4.28 8.55
C LEU A 157 21.86 5.35 7.47
N THR A 158 20.70 5.57 6.85
CA THR A 158 20.62 6.54 5.75
C THR A 158 20.77 7.97 6.25
N ASP A 159 20.07 8.32 7.32
CA ASP A 159 20.14 9.68 7.85
C ASP A 159 21.51 9.89 8.49
N GLU A 160 22.32 10.73 7.86
CA GLU A 160 23.71 10.85 8.28
C GLU A 160 23.78 11.58 9.62
N LYS A 161 22.91 12.56 9.83
CA LYS A 161 23.02 13.35 11.05
C LYS A 161 22.71 12.48 12.27
N LYS A 162 21.67 11.66 12.17
CA LYS A 162 21.28 10.81 13.29
C LYS A 162 22.39 9.80 13.63
N VAL A 163 23.03 9.24 12.61
CA VAL A 163 24.10 8.27 12.88
C VAL A 163 25.32 8.96 13.48
N LEU A 164 25.65 10.16 13.00
CA LEU A 164 26.75 10.95 13.58
C LEU A 164 26.52 11.29 15.03
N GLU A 165 25.34 11.79 15.38
CA GLU A 165 25.09 12.15 16.77
C GLU A 165 24.69 10.96 17.63
N TRP A 166 24.53 9.80 17.03
CA TRP A 166 24.18 8.61 17.79
C TRP A 166 25.39 7.85 18.30
N ALA A 167 26.50 7.90 17.57
CA ALA A 167 27.70 7.18 17.99
C ALA A 167 28.24 7.73 19.31
N GLN A 168 28.06 9.02 19.57
CA GLN A 168 28.51 9.60 20.83
C GLN A 168 27.66 9.16 22.01
N GLU A 169 26.46 8.63 21.76
CA GLU A 169 25.50 8.21 22.79
C GLU A 169 24.86 9.41 23.48
N LYS A 170 24.93 10.58 22.86
CA LYS A 170 24.25 11.75 23.40
C LYS A 170 22.74 11.57 23.32
N ARG A 171 22.25 10.99 22.22
CA ARG A 171 20.83 10.72 22.06
C ARG A 171 20.48 9.42 22.76
N LYS A 172 19.85 9.52 23.92
CA LYS A 172 19.38 8.34 24.61
C LYS A 172 17.96 8.00 24.15
N LEU A 173 17.46 6.86 24.64
CA LEU A 173 16.12 6.37 24.30
C LEU A 173 15.94 6.18 22.80
N SER A 174 17.00 5.78 22.11
CA SER A 174 16.99 5.65 20.66
C SER A 174 17.54 4.29 20.26
N VAL A 175 16.97 3.71 19.20
CA VAL A 175 17.31 2.36 18.77
C VAL A 175 17.64 2.41 17.28
N LEU A 176 18.88 2.08 16.93
CA LEU A 176 19.24 1.87 15.53
C LEU A 176 19.02 0.47 15.04
N HIS A 177 18.67 0.42 13.76
CA HIS A 177 18.40 -0.81 13.07
C HIS A 177 19.57 -1.04 12.14
N ILE A 178 20.35 -2.09 12.41
CA ILE A 178 21.50 -2.39 11.56
C ILE A 178 21.06 -2.90 10.19
N HIS A 179 19.82 -3.38 10.08
CA HIS A 179 19.28 -3.88 8.82
C HIS A 179 18.28 -2.91 8.20
N GLY A 180 17.26 -2.52 8.94
CA GLY A 180 16.28 -1.57 8.45
C GLY A 180 14.99 -1.67 9.23
N VAL A 181 14.00 -0.89 8.79
CA VAL A 181 12.70 -0.81 9.43
C VAL A 181 11.62 -0.72 8.36
N TYR A 182 10.50 -1.41 8.59
CA TYR A 182 9.42 -1.41 7.62
C TYR A 182 8.60 -0.13 7.62
N THR A 183 8.64 0.64 8.71
CA THR A 183 7.90 1.90 8.72
C THR A 183 8.54 2.97 7.84
N ASN A 184 9.83 2.81 7.49
CA ASN A 184 10.54 3.73 6.61
C ASN A 184 11.09 2.93 5.44
N PRO A 185 10.33 2.75 4.36
CA PRO A 185 10.79 1.90 3.26
C PRO A 185 12.08 2.37 2.60
N SER A 186 12.33 3.67 2.59
CA SER A 186 13.54 4.21 1.97
C SER A 186 14.77 4.09 2.87
N GLY A 187 14.59 3.69 4.12
CA GLY A 187 15.67 3.63 5.07
C GLY A 187 16.32 2.27 5.24
N ILE A 188 16.13 1.36 4.29
CA ILE A 188 16.64 0.00 4.37
C ILE A 188 17.79 -0.18 3.40
N VAL A 189 18.93 -0.65 3.92
CA VAL A 189 20.08 -1.03 3.12
C VAL A 189 20.65 -2.33 3.69
N LEU A 190 20.87 -3.33 2.83
CA LEU A 190 21.34 -4.65 3.26
C LEU A 190 22.60 -5.12 2.58
N HIS A 191 22.80 -4.77 1.31
CA HIS A 191 23.98 -5.25 0.61
C HIS A 191 25.26 -4.71 1.24
N PRO A 192 26.33 -5.51 1.21
CA PRO A 192 27.56 -5.12 1.92
C PRO A 192 28.11 -3.78 1.49
N ALA A 193 28.02 -3.45 0.19
CA ALA A 193 28.55 -2.20 -0.30
C ALA A 193 27.65 -1.00 -0.03
N GLY A 194 26.44 -1.22 0.51
CA GLY A 194 25.54 -0.12 0.77
C GLY A 194 25.83 0.61 2.06
N TYR A 195 26.28 -0.10 3.09
CA TYR A 195 26.59 0.51 4.37
C TYR A 195 28.05 0.95 4.47
N GLN A 196 28.83 0.83 3.40
CA GLN A 196 30.18 1.39 3.39
C GLN A 196 30.23 2.77 2.77
N ASN A 197 29.47 3.00 1.69
CA ASN A 197 29.48 4.33 1.06
C ASN A 197 28.88 5.39 1.99
N VAL A 198 27.82 5.05 2.70
CA VAL A 198 27.28 5.98 3.69
C VAL A 198 28.24 6.13 4.86
N LEU A 199 29.07 5.12 5.13
CA LEU A 199 30.06 5.17 6.20
C LEU A 199 31.45 5.49 5.65
N ARG A 200 31.51 6.37 4.65
CA ARG A 200 32.79 6.79 4.09
C ARG A 200 33.71 7.43 5.12
N ASN A 201 33.17 7.97 6.21
CA ASN A 201 33.98 8.62 7.23
C ASN A 201 34.65 7.57 8.09
N THR A 202 35.98 7.45 7.97
CA THR A 202 36.72 6.60 8.89
C THR A 202 36.73 7.16 10.31
N GLU A 203 36.54 8.48 10.44
CA GLU A 203 36.44 9.04 11.77
C GLU A 203 35.16 8.57 12.45
N VAL A 204 34.10 8.33 11.68
CA VAL A 204 32.85 7.89 12.29
C VAL A 204 32.93 6.43 12.74
N MET A 205 33.70 5.58 12.04
CA MET A 205 33.98 4.27 12.62
C MET A 205 34.93 4.38 13.80
N ARG A 206 35.74 5.44 13.84
CA ARG A 206 36.48 5.75 15.07
C ARG A 206 35.49 6.10 16.18
N GLU A 207 34.38 6.75 15.83
CA GLU A 207 33.31 6.93 16.80
C GLU A 207 32.55 5.64 17.08
N ILE A 208 32.81 4.58 16.31
CA ILE A 208 32.20 3.28 16.58
C ILE A 208 33.08 2.40 17.45
N GLN A 209 34.39 2.69 17.57
CA GLN A 209 35.24 1.87 18.42
C GLN A 209 34.76 1.88 19.87
N LYS A 210 34.13 2.97 20.30
CA LYS A 210 33.67 3.02 21.69
C LYS A 210 32.62 1.96 21.97
N LEU A 211 32.00 1.41 20.93
CA LEU A 211 31.07 0.29 21.12
C LEU A 211 31.83 -1.01 21.39
N TYR A 212 32.74 -1.38 20.48
CA TYR A 212 33.34 -2.72 20.55
C TYR A 212 34.50 -2.74 21.53
N GLU A 213 35.26 -1.64 21.62
CA GLU A 213 36.43 -1.58 22.47
C GLU A 213 36.07 -1.49 23.94
N ASN A 214 35.08 -0.66 24.29
CA ASN A 214 34.76 -0.38 25.69
C ASN A 214 33.36 -0.81 26.07
N LYS A 215 32.36 -0.57 25.25
CA LYS A 215 30.99 -0.94 25.59
C LYS A 215 30.82 -2.45 25.52
N SER A 216 29.83 -2.96 26.25
CA SER A 216 29.57 -4.39 26.38
C SER A 216 28.26 -4.72 25.66
N PHE A 217 28.30 -5.61 24.68
CA PHE A 217 27.04 -5.99 24.05
C PHE A 217 26.50 -7.27 24.67
N LEU A 218 25.29 -7.61 24.25
CA LEU A 218 24.60 -8.83 24.72
C LEU A 218 23.70 -9.29 23.58
N PHE A 219 24.18 -10.26 22.80
CA PHE A 219 23.48 -10.70 21.61
C PHE A 219 22.43 -11.73 22.01
N LEU A 220 21.16 -11.39 21.80
CA LEU A 220 20.04 -12.28 22.10
C LEU A 220 19.49 -12.84 20.79
N GLY A 221 19.29 -14.15 20.74
CA GLY A 221 18.83 -14.78 19.51
C GLY A 221 19.81 -14.61 18.37
N CYS A 222 21.10 -14.79 18.63
CA CYS A 222 22.14 -14.58 17.64
C CYS A 222 23.02 -15.81 17.50
N GLY A 223 24.14 -15.68 16.82
CA GLY A 223 25.03 -16.79 16.57
C GLY A 223 25.22 -17.02 15.09
N TRP A 224 24.16 -16.81 14.32
CA TRP A 224 24.26 -16.78 12.87
C TRP A 224 24.55 -15.38 12.35
N THR A 225 24.37 -14.36 13.18
CA THR A 225 24.75 -13.01 12.80
C THR A 225 26.27 -12.85 12.78
N VAL A 226 26.98 -13.64 13.59
CA VAL A 226 28.44 -13.64 13.53
C VAL A 226 28.97 -14.59 12.45
N ASP A 227 28.08 -15.10 11.60
CA ASP A 227 28.49 -15.92 10.47
C ASP A 227 28.46 -15.14 9.15
N ASP A 228 27.45 -14.31 8.94
CA ASP A 228 27.36 -13.48 7.74
C ASP A 228 28.32 -12.30 7.85
N THR A 229 28.44 -11.53 6.76
CA THR A 229 29.50 -10.55 6.65
C THR A 229 29.16 -9.17 7.20
N THR A 230 27.91 -8.91 7.59
CA THR A 230 27.56 -7.56 8.04
C THR A 230 28.17 -7.26 9.41
N PHE A 231 28.11 -8.22 10.34
CA PHE A 231 28.66 -8.01 11.67
C PHE A 231 30.17 -7.86 11.61
N GLN A 232 30.83 -8.64 10.75
CA GLN A 232 32.28 -8.55 10.58
C GLN A 232 32.66 -7.23 9.94
N ALA A 233 31.86 -6.76 8.99
CA ALA A 233 32.14 -5.48 8.34
C ALA A 233 31.99 -4.33 9.32
N LEU A 234 30.96 -4.36 10.16
CA LEU A 234 30.68 -3.22 11.04
C LEU A 234 31.35 -3.33 12.41
N PHE A 235 31.90 -4.49 12.76
CA PHE A 235 32.45 -4.68 14.10
C PHE A 235 33.93 -5.04 14.09
N LEU A 236 34.32 -6.05 13.32
CA LEU A 236 35.65 -6.63 13.42
C LEU A 236 36.63 -6.09 12.38
N GLU A 237 36.20 -5.20 11.48
CA GLU A 237 37.14 -4.67 10.48
C GLU A 237 38.11 -3.67 11.10
N ALA A 238 37.61 -2.78 11.95
CA ALA A 238 38.42 -1.71 12.51
C ALA A 238 38.97 -2.05 13.88
N VAL A 239 38.85 -3.30 14.32
CA VAL A 239 39.34 -3.68 15.63
C VAL A 239 40.30 -4.86 15.49
N LYS A 240 41.48 -4.72 16.08
CA LYS A 240 42.50 -5.75 16.03
C LYS A 240 42.79 -6.38 17.39
N HIS A 241 42.05 -6.03 18.44
CA HIS A 241 42.23 -6.63 19.76
C HIS A 241 41.11 -7.62 20.04
N LYS A 242 41.42 -8.91 19.90
CA LYS A 242 40.54 -9.99 20.35
C LYS A 242 40.98 -10.56 21.69
N SER A 243 42.09 -10.07 22.25
CA SER A 243 42.57 -10.57 23.54
C SER A 243 41.75 -10.03 24.70
N ASP A 244 41.28 -8.79 24.62
CA ASP A 244 40.53 -8.15 25.69
C ASP A 244 39.20 -7.59 25.16
N LEU A 245 38.18 -8.46 25.12
CA LEU A 245 36.82 -8.05 24.80
C LEU A 245 35.98 -8.09 26.06
N GLU A 246 34.77 -7.55 25.94
CA GLU A 246 33.83 -7.46 27.06
C GLU A 246 32.40 -7.69 26.60
N HIS A 247 32.16 -8.71 25.77
CA HIS A 247 30.86 -8.79 25.11
C HIS A 247 30.24 -10.15 25.43
N PHE A 248 28.91 -10.22 25.41
CA PHE A 248 28.20 -11.42 25.81
C PHE A 248 27.21 -11.83 24.74
N MET A 249 26.65 -13.03 24.88
CA MET A 249 25.66 -13.54 23.93
C MET A 249 24.97 -14.75 24.54
N LEU A 250 23.66 -14.87 24.32
CA LEU A 250 22.83 -15.90 24.94
C LEU A 250 22.17 -16.72 23.84
N VAL A 251 22.28 -18.05 23.92
CA VAL A 251 21.62 -18.95 22.97
C VAL A 251 21.22 -20.22 23.72
N ARG A 252 20.61 -21.15 23.00
CA ARG A 252 20.07 -22.40 23.49
C ARG A 252 21.20 -23.38 23.78
N ARG A 253 20.91 -24.44 24.54
CA ARG A 253 21.88 -25.53 24.61
C ARG A 253 21.48 -26.52 23.52
N GLY A 254 22.10 -27.68 23.51
CA GLY A 254 21.59 -28.77 22.69
C GLY A 254 22.58 -29.90 22.58
N ASP A 255 22.81 -30.31 21.34
CA ASP A 255 23.85 -31.28 21.05
C ASP A 255 25.19 -30.75 21.56
N VAL A 256 25.93 -31.60 22.27
CA VAL A 256 27.19 -31.15 22.88
C VAL A 256 28.22 -30.80 21.81
N ASP A 257 28.20 -31.52 20.68
CA ASP A 257 29.15 -31.22 19.62
C ASP A 257 28.97 -29.80 19.10
N GLU A 258 27.75 -29.43 18.75
CA GLU A 258 27.53 -28.08 18.23
C GLU A 258 27.73 -27.05 19.33
N PHE A 259 27.46 -27.45 20.56
CA PHE A 259 27.73 -26.58 21.70
C PHE A 259 29.19 -26.18 21.74
N LYS A 260 30.09 -27.17 21.65
CA LYS A 260 31.51 -26.84 21.75
C LYS A 260 32.01 -26.18 20.47
N LYS A 261 31.41 -26.46 19.31
CA LYS A 261 31.93 -25.82 18.10
C LYS A 261 31.63 -24.32 18.14
N LEU A 262 30.41 -23.95 18.55
CA LEU A 262 30.13 -22.53 18.79
C LEU A 262 31.01 -21.99 19.91
N ARG A 263 31.16 -22.73 21.00
CA ARG A 263 32.08 -22.33 22.05
C ARG A 263 33.41 -21.87 21.47
N GLU A 264 34.07 -22.76 20.74
CA GLU A 264 35.41 -22.46 20.25
C GLU A 264 35.40 -21.35 19.20
N ASN A 265 34.43 -21.34 18.28
CA ASN A 265 34.56 -20.38 17.20
C ASN A 265 34.31 -18.95 17.71
N MET A 266 33.38 -18.77 18.64
CA MET A 266 33.13 -17.43 19.16
C MET A 266 33.96 -17.11 20.41
N LEU A 267 34.76 -18.06 20.89
CA LEU A 267 35.94 -17.69 21.69
C LEU A 267 37.04 -17.17 20.79
N ASP A 268 37.16 -17.72 19.57
CA ASP A 268 38.05 -17.14 18.58
C ASP A 268 37.61 -15.74 18.21
N LYS A 269 36.29 -15.52 18.06
CA LYS A 269 35.81 -14.14 17.93
C LYS A 269 36.03 -13.35 19.21
N GLY A 270 35.80 -13.96 20.37
CA GLY A 270 36.06 -13.30 21.63
C GLY A 270 34.86 -12.89 22.45
N ILE A 271 33.84 -13.73 22.50
CA ILE A 271 32.62 -13.41 23.22
C ILE A 271 32.47 -14.53 24.25
N LYS A 272 31.72 -14.29 25.33
CA LYS A 272 31.45 -15.37 26.27
C LYS A 272 30.22 -16.16 25.84
N VAL A 273 30.25 -17.47 26.13
CA VAL A 273 29.17 -18.39 25.77
C VAL A 273 28.21 -18.49 26.94
N ILE A 274 26.91 -18.45 26.65
CA ILE A 274 25.92 -18.82 27.64
C ILE A 274 24.87 -19.65 26.92
N SER A 275 24.78 -20.94 27.27
CA SER A 275 23.70 -21.79 26.84
C SER A 275 23.03 -22.34 28.08
N TYR A 276 21.72 -22.14 28.20
CA TYR A 276 20.98 -22.49 29.40
C TYR A 276 20.15 -23.77 29.28
N GLY A 277 19.08 -23.78 28.51
CA GLY A 277 18.15 -24.88 28.70
C GLY A 277 17.28 -25.30 27.53
N ASP A 278 17.40 -24.61 26.39
CA ASP A 278 16.77 -24.92 25.09
C ASP A 278 15.34 -25.40 25.25
N ASP A 279 14.66 -24.93 26.29
CA ASP A 279 13.30 -25.35 26.60
C ASP A 279 12.29 -24.43 25.96
N TYR A 280 12.78 -23.36 25.31
CA TYR A 280 12.00 -22.31 24.70
C TYR A 280 11.15 -21.60 25.74
N ALA A 281 11.34 -21.91 27.03
CA ALA A 281 10.53 -21.35 28.09
C ALA A 281 11.26 -20.98 29.37
N ASP A 282 12.58 -21.17 29.47
CA ASP A 282 13.22 -20.67 30.69
C ASP A 282 14.07 -19.45 30.39
N LEU A 283 14.28 -19.13 29.11
CA LEU A 283 14.78 -17.81 28.74
C LEU A 283 13.93 -16.67 29.28
N PRO A 284 12.58 -16.69 29.21
CA PRO A 284 11.84 -15.58 29.81
C PRO A 284 12.19 -15.30 31.26
N GLU A 285 12.06 -16.32 32.11
CA GLU A 285 12.33 -16.12 33.51
C GLU A 285 13.80 -15.76 33.74
N TYR A 286 14.71 -16.39 33.00
CA TYR A 286 16.14 -16.17 33.24
C TYR A 286 16.56 -14.76 32.82
N PHE A 287 16.09 -14.32 31.66
CA PHE A 287 16.44 -12.99 31.18
C PHE A 287 15.73 -11.91 31.98
N LYS A 288 14.47 -12.13 32.38
CA LYS A 288 13.78 -11.15 33.21
C LYS A 288 14.42 -11.04 34.58
N ARG A 289 14.83 -12.16 35.19
CA ARG A 289 15.63 -12.01 36.38
C ARG A 289 16.84 -11.16 36.04
N LEU A 290 17.72 -11.61 35.14
CA LEU A 290 18.91 -10.82 34.79
C LEU A 290 18.62 -9.33 34.74
N THR A 291 17.55 -8.94 34.04
CA THR A 291 17.24 -7.52 33.87
C THR A 291 16.86 -6.86 35.18
N CYS A 292 16.07 -7.52 36.01
CA CYS A 292 15.69 -6.90 37.27
C CYS A 292 16.90 -6.76 38.19
N GLU A 293 17.84 -7.70 38.15
CA GLU A 293 18.97 -7.54 39.08
C GLU A 293 19.88 -6.44 38.59
N ILE A 294 20.01 -6.31 37.26
CA ILE A 294 20.78 -5.22 36.70
C ILE A 294 20.15 -3.89 37.05
N SER A 295 18.82 -3.79 36.93
CA SER A 295 18.14 -2.55 37.27
C SER A 295 18.29 -2.21 38.75
N THR A 296 18.15 -3.21 39.62
CA THR A 296 18.31 -2.97 41.05
C THR A 296 19.74 -2.57 41.38
N ARG A 297 20.73 -3.14 40.70
CA ARG A 297 22.07 -2.78 41.08
C ARG A 297 22.44 -1.54 40.26
N GLY A 298 21.60 -1.15 39.31
CA GLY A 298 21.88 0.02 38.49
C GLY A 298 21.23 1.29 39.01
N PRO B 1 -7.50 -16.19 -3.06
CA PRO B 1 -7.84 -15.01 -3.84
C PRO B 1 -6.88 -13.85 -3.63
N ARG B 2 -7.38 -12.62 -3.73
CA ARG B 2 -6.57 -11.42 -3.58
C ARG B 2 -6.95 -10.75 -2.27
N LYS B 3 -5.98 -10.61 -1.37
CA LYS B 3 -6.29 -10.16 -0.01
C LYS B 3 -6.46 -8.65 0.02
N LEU B 4 -6.53 -8.12 1.24
CA LEU B 4 -6.80 -6.71 1.46
C LEU B 4 -5.71 -5.82 0.85
N LEU B 5 -6.14 -4.70 0.27
CA LEU B 5 -5.21 -3.80 -0.40
C LEU B 5 -4.35 -3.09 0.64
N PRO B 6 -3.02 -3.03 0.45
CA PRO B 6 -2.15 -2.46 1.50
C PRO B 6 -2.51 -1.04 1.87
N SER B 7 -2.50 -0.15 0.89
CA SER B 7 -2.78 1.22 1.22
C SER B 7 -4.24 1.42 1.62
N LEU B 8 -5.18 0.85 0.87
CA LEU B 8 -6.60 1.20 1.06
C LEU B 8 -7.06 1.01 2.50
N LYS B 9 -6.51 0.03 3.23
CA LYS B 9 -7.06 -0.29 4.55
C LYS B 9 -6.95 0.89 5.52
N THR B 10 -5.91 1.72 5.40
CA THR B 10 -5.62 2.74 6.39
C THR B 10 -6.14 4.13 6.04
N LYS B 11 -6.41 4.39 4.76
CA LYS B 11 -7.08 5.62 4.30
C LYS B 11 -8.43 5.77 4.94
N LYS B 12 -8.85 7.01 5.29
CA LYS B 12 -10.12 7.24 6.01
C LYS B 12 -11.25 7.36 4.96
N PRO B 13 -12.48 6.87 5.22
CA PRO B 13 -13.48 6.93 4.13
C PRO B 13 -13.75 8.34 3.69
N ARG B 14 -13.49 9.31 4.57
CA ARG B 14 -13.65 10.71 4.21
C ARG B 14 -12.81 11.04 2.97
N GLU B 15 -11.54 10.68 2.99
CA GLU B 15 -10.68 10.96 1.85
C GLU B 15 -11.00 10.12 0.63
N LEU B 16 -11.82 9.08 0.75
CA LEU B 16 -12.11 8.21 -0.36
C LEU B 16 -13.16 8.83 -1.27
N VAL B 17 -12.86 8.91 -2.57
CA VAL B 17 -13.77 9.45 -3.57
C VAL B 17 -13.92 8.36 -4.63
N LEU B 18 -15.04 7.66 -4.62
CA LEU B 18 -15.25 6.55 -5.54
C LEU B 18 -15.68 7.07 -6.91
N VAL B 19 -15.12 6.47 -7.96
CA VAL B 19 -15.48 6.76 -9.34
C VAL B 19 -15.93 5.46 -9.98
N ILE B 20 -17.09 5.50 -10.64
CA ILE B 20 -17.65 4.32 -11.29
C ILE B 20 -17.73 4.58 -12.79
N GLY B 21 -17.36 3.56 -13.57
CA GLY B 21 -17.34 3.68 -15.01
C GLY B 21 -18.17 2.63 -15.72
N THR B 22 -17.75 2.22 -16.91
CA THR B 22 -18.50 1.25 -17.69
C THR B 22 -18.44 -0.15 -17.09
N GLY B 23 -17.46 -0.43 -16.22
CA GLY B 23 -17.37 -1.74 -15.62
C GLY B 23 -18.55 -2.06 -14.70
N ILE B 24 -18.95 -1.09 -13.89
CA ILE B 24 -20.08 -1.30 -12.98
C ILE B 24 -21.38 -1.40 -13.77
N SER B 25 -21.53 -0.58 -14.80
CA SER B 25 -22.72 -0.67 -15.65
C SER B 25 -22.77 -1.99 -16.40
N ALA B 26 -21.61 -2.55 -16.75
CA ALA B 26 -21.54 -3.88 -17.36
C ALA B 26 -21.73 -4.99 -16.34
N ALA B 27 -21.52 -4.72 -15.06
CA ALA B 27 -21.86 -5.70 -14.03
C ALA B 27 -23.35 -5.98 -14.00
N VAL B 28 -24.17 -4.97 -14.29
CA VAL B 28 -25.59 -5.18 -14.51
C VAL B 28 -25.76 -6.12 -15.70
N ALA B 29 -26.82 -6.94 -15.65
CA ALA B 29 -27.14 -7.97 -16.65
C ALA B 29 -26.96 -7.42 -18.06
N PRO B 30 -25.97 -7.91 -18.79
CA PRO B 30 -25.72 -7.34 -20.12
C PRO B 30 -26.72 -7.81 -21.17
N GLN B 31 -27.92 -7.21 -21.17
CA GLN B 31 -28.86 -7.29 -22.29
C GLN B 31 -29.23 -5.93 -22.91
N VAL B 32 -29.14 -4.83 -22.19
CA VAL B 32 -29.30 -3.48 -22.76
C VAL B 32 -28.00 -3.05 -23.46
N PRO B 33 -28.06 -2.70 -24.75
CA PRO B 33 -26.82 -2.33 -25.45
C PRO B 33 -26.07 -1.17 -24.81
N ALA B 34 -26.75 -0.29 -24.08
CA ALA B 34 -26.09 0.86 -23.50
C ALA B 34 -25.10 0.51 -22.38
N LEU B 35 -25.22 -0.65 -21.74
CA LEU B 35 -24.38 -0.84 -20.57
C LEU B 35 -23.27 -1.87 -20.75
N LYS B 36 -23.26 -2.64 -21.85
CA LYS B 36 -22.15 -3.57 -22.10
C LYS B 36 -20.84 -2.84 -22.23
N SER B 37 -20.82 -1.78 -23.03
CA SER B 37 -19.60 -1.06 -23.30
C SER B 37 -19.98 0.32 -23.82
N TRP B 38 -18.98 1.20 -23.86
CA TRP B 38 -19.18 2.52 -24.42
C TRP B 38 -19.53 2.44 -25.91
N LYS B 39 -18.98 1.45 -26.60
CA LYS B 39 -19.31 1.25 -28.01
C LYS B 39 -20.78 0.91 -28.18
N GLY B 40 -21.34 0.09 -27.28
CA GLY B 40 -22.74 -0.26 -27.34
C GLY B 40 -23.69 0.87 -26.98
N LEU B 41 -23.20 1.87 -26.24
CA LEU B 41 -23.95 3.10 -26.03
C LEU B 41 -24.33 3.77 -27.33
N ILE B 42 -23.34 4.13 -28.14
CA ILE B 42 -23.63 4.84 -29.39
C ILE B 42 -24.43 3.94 -30.32
N GLN B 43 -24.22 2.63 -30.26
CA GLN B 43 -25.04 1.74 -31.07
C GLN B 43 -26.49 1.75 -30.59
N ALA B 44 -26.70 1.83 -29.28
CA ALA B 44 -28.05 1.89 -28.74
C ALA B 44 -28.77 3.15 -29.18
N LEU B 45 -28.12 4.30 -29.03
CA LEU B 45 -28.73 5.54 -29.52
C LEU B 45 -28.96 5.50 -31.03
N LEU B 46 -28.09 4.81 -31.79
CA LEU B 46 -28.40 4.60 -33.20
C LEU B 46 -29.69 3.86 -33.41
N ASP B 47 -29.83 2.71 -32.76
CA ASP B 47 -31.00 1.90 -33.01
C ASP B 47 -32.25 2.68 -32.60
N ALA B 48 -32.10 3.53 -31.58
CA ALA B 48 -33.19 4.40 -31.17
C ALA B 48 -33.45 5.53 -32.17
N ALA B 49 -32.41 5.99 -32.86
CA ALA B 49 -32.62 7.04 -33.85
C ALA B 49 -33.25 6.48 -35.12
N ILE B 50 -32.88 5.25 -35.49
CA ILE B 50 -33.44 4.63 -36.69
C ILE B 50 -34.91 4.30 -36.48
N ASP B 51 -35.24 3.69 -35.34
CA ASP B 51 -36.62 3.24 -35.15
C ASP B 51 -37.56 4.39 -34.84
N PHE B 52 -37.04 5.50 -34.31
CA PHE B 52 -37.86 6.68 -34.04
C PHE B 52 -37.63 7.79 -35.07
N ASP B 53 -36.98 7.46 -36.19
CA ASP B 53 -36.85 8.32 -37.38
C ASP B 53 -36.46 9.76 -37.04
N LEU B 54 -35.59 9.93 -36.05
CA LEU B 54 -35.09 11.27 -35.83
C LEU B 54 -34.22 11.69 -36.99
N LEU B 55 -33.73 10.71 -37.72
CA LEU B 55 -32.61 10.98 -38.58
C LEU B 55 -32.84 10.05 -39.77
N GLU B 56 -32.87 10.63 -40.97
CA GLU B 56 -33.13 9.96 -42.23
C GLU B 56 -32.14 8.81 -42.46
N ASP B 57 -32.32 8.09 -43.58
CA ASP B 57 -31.60 6.84 -43.81
C ASP B 57 -30.11 7.07 -44.08
N GLU B 58 -29.78 8.05 -44.93
CA GLU B 58 -28.39 8.20 -45.38
C GLU B 58 -27.46 8.59 -44.24
N GLU B 59 -27.95 9.39 -43.32
CA GLU B 59 -27.04 9.84 -42.29
C GLU B 59 -26.97 8.83 -41.16
N SER B 60 -28.05 8.09 -40.88
CA SER B 60 -27.88 6.91 -40.04
C SER B 60 -26.86 5.96 -40.66
N LYS B 61 -26.85 5.85 -42.00
CA LYS B 61 -25.85 5.05 -42.69
C LYS B 61 -24.45 5.59 -42.46
N LYS B 62 -24.27 6.92 -42.52
CA LYS B 62 -22.96 7.50 -42.21
C LYS B 62 -22.53 7.15 -40.79
N PHE B 63 -23.42 7.32 -39.83
CA PHE B 63 -23.02 7.15 -38.44
C PHE B 63 -22.69 5.70 -38.18
N GLN B 64 -23.44 4.79 -38.83
CA GLN B 64 -23.09 3.37 -38.81
C GLN B 64 -21.72 3.13 -39.45
N LYS B 65 -21.44 3.83 -40.55
CA LYS B 65 -20.17 3.67 -41.26
C LYS B 65 -19.01 4.03 -40.35
N CYS B 66 -19.24 4.97 -39.43
CA CYS B 66 -18.24 5.27 -38.41
C CYS B 66 -17.93 4.03 -37.56
N LEU B 67 -18.94 3.20 -37.31
CA LEU B 67 -18.78 2.09 -36.37
C LEU B 67 -17.70 1.10 -36.83
N HIS B 68 -17.82 0.62 -38.06
CA HIS B 68 -16.98 -0.48 -38.53
C HIS B 68 -15.51 -0.10 -38.51
N GLU B 69 -15.12 0.88 -39.32
CA GLU B 69 -13.78 1.47 -39.20
C GLU B 69 -13.98 2.67 -38.29
N ASP B 70 -13.55 2.55 -37.05
CA ASP B 70 -13.86 3.57 -36.07
C ASP B 70 -12.61 4.35 -35.66
N LYS B 71 -12.87 5.54 -35.14
CA LYS B 71 -11.93 6.37 -34.43
C LYS B 71 -12.70 7.54 -33.85
N ASN B 72 -12.17 8.06 -32.75
CA ASN B 72 -12.61 9.34 -32.20
C ASN B 72 -14.09 9.25 -31.78
N LEU B 73 -14.33 8.36 -30.81
CA LEU B 73 -15.69 8.09 -30.34
C LEU B 73 -16.36 9.30 -29.74
N VAL B 74 -15.64 10.08 -28.92
CA VAL B 74 -16.26 11.17 -28.20
C VAL B 74 -16.68 12.28 -29.16
N HIS B 75 -15.84 12.57 -30.16
CA HIS B 75 -16.23 13.51 -31.22
C HIS B 75 -17.45 13.05 -31.98
N VAL B 76 -17.55 11.75 -32.25
CA VAL B 76 -18.72 11.27 -33.00
C VAL B 76 -19.98 11.36 -32.15
N ALA B 77 -19.85 11.10 -30.84
CA ALA B 77 -20.98 11.30 -29.93
C ALA B 77 -21.38 12.78 -29.87
N HIS B 78 -20.40 13.68 -29.84
CA HIS B 78 -20.70 15.11 -29.96
C HIS B 78 -21.32 15.51 -31.29
N ASP B 79 -20.82 14.97 -32.39
CA ASP B 79 -21.45 15.28 -33.66
C ASP B 79 -22.91 14.86 -33.63
N LEU B 80 -23.18 13.72 -32.98
CA LEU B 80 -24.55 13.29 -32.76
C LEU B 80 -25.34 14.32 -31.96
N ILE B 81 -24.80 14.71 -30.80
CA ILE B 81 -25.46 15.68 -29.93
C ILE B 81 -25.79 16.96 -30.72
N GLN B 82 -24.86 17.39 -31.57
CA GLN B 82 -25.08 18.60 -32.34
C GLN B 82 -26.17 18.42 -33.39
N LYS B 83 -26.17 17.29 -34.09
CA LYS B 83 -27.18 17.07 -35.11
C LYS B 83 -28.57 16.82 -34.57
N LEU B 84 -28.69 16.35 -33.34
CA LEU B 84 -30.00 16.19 -32.74
C LEU B 84 -30.44 17.42 -31.95
N SER B 85 -29.71 18.53 -32.03
CA SER B 85 -30.11 19.78 -31.38
C SER B 85 -30.44 20.89 -32.38
N PRO B 86 -31.40 20.69 -33.28
CA PRO B 86 -32.06 21.86 -33.93
C PRO B 86 -33.22 22.45 -33.15
N ARG B 87 -33.45 22.05 -31.91
CA ARG B 87 -34.68 22.39 -31.21
C ARG B 87 -34.82 23.90 -31.00
N THR B 88 -36.07 24.33 -30.87
CA THR B 88 -36.38 25.72 -30.55
C THR B 88 -36.73 25.82 -29.07
N SER B 89 -36.05 26.73 -28.36
CA SER B 89 -36.18 26.88 -26.92
C SER B 89 -36.11 25.51 -26.23
N ASN B 90 -37.21 25.08 -25.61
CA ASN B 90 -37.25 23.77 -24.97
C ASN B 90 -37.97 22.73 -25.81
N VAL B 91 -39.24 23.00 -26.18
CA VAL B 91 -40.14 22.11 -26.92
C VAL B 91 -39.96 20.64 -26.56
N ARG B 92 -39.74 20.36 -25.28
CA ARG B 92 -39.70 18.99 -24.73
C ARG B 92 -38.98 18.04 -25.67
N SER B 93 -37.78 18.44 -26.07
CA SER B 93 -37.15 18.02 -27.31
C SER B 93 -37.34 16.54 -27.58
N THR B 94 -38.05 16.23 -28.67
CA THR B 94 -38.22 14.85 -29.07
C THR B 94 -36.95 14.27 -29.67
N PHE B 95 -36.03 15.13 -30.12
CA PHE B 95 -34.77 14.66 -30.66
C PHE B 95 -33.81 14.23 -29.57
N PHE B 96 -33.94 14.80 -28.36
CA PHE B 96 -33.18 14.42 -27.17
C PHE B 96 -33.94 13.57 -26.17
N LYS B 97 -35.05 14.07 -25.61
CA LYS B 97 -35.72 13.36 -24.54
C LYS B 97 -36.14 11.98 -25.00
N ASP B 98 -36.76 11.92 -26.16
CA ASP B 98 -37.36 10.70 -26.63
C ASP B 98 -36.30 9.77 -27.31
N CYS B 99 -34.99 10.02 -27.13
CA CYS B 99 -33.97 9.06 -27.49
C CYS B 99 -33.20 8.59 -26.27
N LEU B 100 -32.69 9.52 -25.46
CA LEU B 100 -31.98 9.12 -24.25
C LEU B 100 -32.90 8.44 -23.25
N TYR B 101 -34.14 8.94 -23.12
CA TYR B 101 -35.06 8.32 -22.18
C TYR B 101 -35.65 7.02 -22.73
N GLU B 102 -35.45 6.73 -24.02
CA GLU B 102 -35.69 5.38 -24.50
C GLU B 102 -34.51 4.47 -24.23
N VAL B 103 -33.29 4.95 -24.47
CA VAL B 103 -32.11 4.09 -24.38
C VAL B 103 -31.83 3.72 -22.94
N PHE B 104 -31.88 4.67 -22.02
CA PHE B 104 -31.37 4.47 -20.67
C PHE B 104 -32.42 3.99 -19.67
N ASP B 105 -33.61 3.62 -20.13
CA ASP B 105 -34.58 2.97 -19.27
C ASP B 105 -34.59 1.46 -19.55
N ASP B 106 -35.55 0.76 -18.95
CA ASP B 106 -35.63 -0.70 -18.97
C ASP B 106 -34.41 -1.32 -18.28
N LEU B 107 -33.78 -0.57 -17.37
CA LEU B 107 -32.55 -0.99 -16.70
C LEU B 107 -32.81 -1.75 -15.42
N GLU B 108 -33.74 -1.25 -14.61
CA GLU B 108 -34.12 -1.86 -13.34
C GLU B 108 -34.68 -3.27 -13.52
N SER B 109 -35.35 -3.54 -14.63
CA SER B 109 -35.95 -4.86 -14.84
C SER B 109 -34.90 -5.96 -14.97
N LYS B 110 -33.64 -5.60 -15.21
CA LYS B 110 -32.55 -6.55 -15.34
C LYS B 110 -31.51 -6.40 -14.23
N MET B 111 -31.97 -6.13 -13.02
CA MET B 111 -31.10 -6.03 -11.85
C MET B 111 -31.04 -7.33 -11.07
N GLU B 112 -29.83 -7.73 -10.71
CA GLU B 112 -29.56 -8.96 -9.98
C GLU B 112 -28.62 -8.65 -8.81
N ASP B 113 -28.40 -9.65 -7.96
CA ASP B 113 -27.57 -9.46 -6.77
C ASP B 113 -26.10 -9.21 -7.10
N SER B 114 -25.61 -9.75 -8.22
CA SER B 114 -24.19 -9.65 -8.53
C SER B 114 -23.76 -8.22 -8.76
N GLY B 115 -24.66 -7.39 -9.30
CA GLY B 115 -24.41 -5.98 -9.45
C GLY B 115 -24.95 -5.22 -8.26
N LYS B 116 -25.89 -5.84 -7.54
CA LYS B 116 -26.51 -5.20 -6.39
C LYS B 116 -25.52 -5.01 -5.25
N GLN B 117 -24.60 -5.96 -5.07
CA GLN B 117 -23.61 -5.84 -4.01
C GLN B 117 -22.74 -4.60 -4.22
N LEU B 118 -22.42 -4.29 -5.49
CA LEU B 118 -21.62 -3.10 -5.78
C LEU B 118 -22.28 -1.84 -5.22
N LEU B 119 -23.54 -1.60 -5.56
CA LEU B 119 -24.13 -0.36 -5.10
C LEU B 119 -24.56 -0.41 -3.63
N GLN B 120 -24.74 -1.59 -3.03
CA GLN B 120 -24.99 -1.57 -1.59
C GLN B 120 -23.71 -1.25 -0.82
N SER B 121 -22.57 -1.73 -1.31
CA SER B 121 -21.31 -1.26 -0.74
C SER B 121 -21.13 0.24 -1.00
N VAL B 122 -21.59 0.71 -2.17
CA VAL B 122 -21.57 2.15 -2.43
C VAL B 122 -22.41 2.91 -1.41
N LEU B 123 -23.56 2.36 -1.03
CA LEU B 123 -24.39 3.06 -0.04
C LEU B 123 -23.72 3.02 1.33
N HIS B 124 -22.97 1.96 1.61
CA HIS B 124 -22.14 1.96 2.82
C HIS B 124 -21.11 3.09 2.78
N LEU B 125 -20.43 3.28 1.64
CA LEU B 125 -19.45 4.36 1.55
C LEU B 125 -20.10 5.73 1.72
N MET B 126 -21.24 5.93 1.07
CA MET B 126 -21.92 7.21 1.19
C MET B 126 -22.37 7.46 2.63
N GLU B 127 -22.87 6.43 3.32
CA GLU B 127 -23.24 6.69 4.72
C GLU B 127 -22.02 6.83 5.62
N ASN B 128 -20.84 6.38 5.20
CA ASN B 128 -19.60 6.80 5.87
C ASN B 128 -19.33 8.28 5.63
N GLY B 129 -19.53 8.75 4.40
CA GLY B 129 -19.29 10.14 4.07
C GLY B 129 -18.49 10.34 2.80
N ALA B 130 -18.31 9.25 2.04
CA ALA B 130 -17.48 9.29 0.86
C ALA B 130 -18.20 9.96 -0.31
N LEU B 131 -17.42 10.65 -1.11
CA LEU B 131 -17.91 11.37 -2.26
C LEU B 131 -17.83 10.44 -3.47
N VAL B 132 -18.85 10.48 -4.33
CA VAL B 132 -18.87 9.61 -5.50
C VAL B 132 -19.26 10.41 -6.73
N LEU B 133 -18.53 10.19 -7.82
CA LEU B 133 -18.89 10.72 -9.13
C LEU B 133 -18.87 9.56 -10.11
N THR B 134 -19.63 9.69 -11.18
CA THR B 134 -19.72 8.66 -12.19
C THR B 134 -19.41 9.21 -13.56
N THR B 135 -19.23 8.29 -14.50
CA THR B 135 -18.86 8.61 -15.87
C THR B 135 -19.87 8.11 -16.88
N ASN B 136 -21.08 7.72 -16.45
CA ASN B 136 -22.08 7.18 -17.35
C ASN B 136 -23.38 7.97 -17.23
N PHE B 137 -24.17 7.95 -18.30
CA PHE B 137 -25.43 8.67 -18.32
C PHE B 137 -26.50 8.01 -17.46
N ASP B 138 -26.24 6.78 -17.01
CA ASP B 138 -27.24 6.02 -16.34
C ASP B 138 -27.52 6.53 -14.97
N ASN B 139 -28.58 5.99 -14.48
CA ASN B 139 -29.12 6.57 -13.28
C ASN B 139 -29.63 5.49 -12.38
N LEU B 140 -29.10 4.32 -12.64
CA LEU B 140 -29.55 3.11 -11.97
C LEU B 140 -29.14 3.10 -10.51
N LEU B 141 -27.91 3.54 -10.23
CA LEU B 141 -27.42 3.51 -8.87
C LEU B 141 -28.31 4.35 -7.96
N GLU B 142 -28.74 5.53 -8.40
CA GLU B 142 -29.41 6.32 -7.39
C GLU B 142 -30.88 5.89 -7.34
N LEU B 143 -31.40 5.30 -8.43
CA LEU B 143 -32.72 4.70 -8.44
C LEU B 143 -32.81 3.60 -7.40
N TYR B 144 -31.86 2.65 -7.43
CA TYR B 144 -31.91 1.60 -6.42
C TYR B 144 -31.45 2.09 -5.05
N ALA B 145 -30.72 3.20 -4.99
CA ALA B 145 -30.48 3.84 -3.70
C ALA B 145 -31.78 4.34 -3.09
N ALA B 146 -32.63 4.96 -3.93
CA ALA B 146 -33.97 5.34 -3.51
C ALA B 146 -34.88 4.14 -3.30
N ASP B 147 -34.49 2.96 -3.79
CA ASP B 147 -35.33 1.77 -3.61
C ASP B 147 -35.51 1.44 -2.13
N GLN B 148 -34.42 1.32 -1.38
CA GLN B 148 -34.54 1.02 0.04
C GLN B 148 -34.99 2.22 0.88
N GLY B 149 -34.95 3.42 0.33
CA GLY B 149 -35.40 4.61 1.05
C GLY B 149 -34.36 5.69 1.24
N LYS B 150 -33.16 5.56 0.66
CA LYS B 150 -32.15 6.60 0.75
C LYS B 150 -32.25 7.48 -0.50
N GLN B 151 -32.65 8.73 -0.31
CA GLN B 151 -32.80 9.65 -1.44
C GLN B 151 -31.44 10.11 -1.92
N LEU B 152 -31.18 9.93 -3.21
CA LEU B 152 -29.93 10.34 -3.83
C LEU B 152 -30.25 11.08 -5.12
N GLU B 153 -29.73 12.30 -5.24
CA GLU B 153 -30.03 13.20 -6.32
C GLU B 153 -28.93 13.20 -7.38
N SER B 154 -29.33 13.48 -8.62
CA SER B 154 -28.40 13.52 -9.74
C SER B 154 -27.97 14.96 -10.00
N LEU B 155 -26.66 15.17 -10.10
CA LEU B 155 -26.09 16.49 -10.38
C LEU B 155 -25.38 16.49 -11.72
N ASP B 156 -25.18 17.69 -12.24
CA ASP B 156 -24.50 17.92 -13.50
C ASP B 156 -23.67 19.17 -13.40
N LEU B 157 -23.03 19.55 -14.51
CA LEU B 157 -22.21 20.74 -14.55
C LEU B 157 -22.97 21.99 -14.98
N THR B 158 -24.22 21.85 -15.44
CA THR B 158 -24.95 23.00 -15.96
C THR B 158 -25.34 23.96 -14.84
N ASP B 159 -25.88 23.43 -13.75
CA ASP B 159 -26.28 24.22 -12.59
C ASP B 159 -25.07 24.79 -11.86
N GLU B 160 -24.84 26.10 -12.03
CA GLU B 160 -23.62 26.72 -11.51
C GLU B 160 -23.60 26.73 -9.99
N LYS B 161 -24.74 27.02 -9.36
CA LYS B 161 -24.77 27.06 -7.91
C LYS B 161 -24.41 25.72 -7.31
N LYS B 162 -24.93 24.63 -7.89
CA LYS B 162 -24.65 23.30 -7.36
C LYS B 162 -23.19 22.91 -7.55
N VAL B 163 -22.59 23.28 -8.70
CA VAL B 163 -21.17 22.99 -8.91
C VAL B 163 -20.30 23.82 -7.98
N LEU B 164 -20.58 25.12 -7.89
CA LEU B 164 -19.84 26.01 -7.00
C LEU B 164 -19.90 25.51 -5.56
N GLU B 165 -21.06 25.04 -5.14
CA GLU B 165 -21.20 24.68 -3.74
C GLU B 165 -20.84 23.23 -3.50
N TRP B 166 -20.62 22.47 -4.57
CA TRP B 166 -20.25 21.06 -4.45
C TRP B 166 -18.76 20.87 -4.27
N ALA B 167 -17.94 21.81 -4.77
CA ALA B 167 -16.49 21.66 -4.69
C ALA B 167 -15.99 21.77 -3.25
N GLN B 168 -16.68 22.57 -2.41
CA GLN B 168 -16.29 22.72 -1.02
C GLN B 168 -16.74 21.55 -0.15
N GLU B 169 -17.54 20.65 -0.69
CA GLU B 169 -17.92 19.40 -0.04
C GLU B 169 -18.97 19.58 1.07
N LYS B 170 -19.50 20.79 1.35
CA LYS B 170 -20.44 20.84 2.46
C LYS B 170 -21.67 20.00 2.15
N ARG B 171 -22.03 19.90 0.88
CA ARG B 171 -23.21 19.17 0.47
C ARG B 171 -22.83 17.70 0.37
N LYS B 172 -23.08 16.99 1.46
CA LYS B 172 -22.79 15.58 1.41
C LYS B 172 -24.00 14.88 0.78
N LEU B 173 -23.88 13.57 0.57
CA LEU B 173 -24.94 12.71 0.05
C LEU B 173 -25.28 13.04 -1.39
N SER B 174 -24.32 13.57 -2.13
CA SER B 174 -24.56 14.09 -3.46
C SER B 174 -23.56 13.49 -4.43
N VAL B 175 -24.03 13.14 -5.63
CA VAL B 175 -23.22 12.50 -6.65
C VAL B 175 -23.25 13.36 -7.90
N LEU B 176 -22.08 13.83 -8.32
CA LEU B 176 -21.98 14.64 -9.53
C LEU B 176 -21.68 13.71 -10.71
N HIS B 177 -22.33 13.99 -11.83
CA HIS B 177 -22.18 13.31 -13.11
C HIS B 177 -21.22 14.09 -14.01
N ILE B 178 -20.04 13.51 -14.28
CA ILE B 178 -19.06 14.20 -15.10
C ILE B 178 -19.47 14.17 -16.58
N HIS B 179 -20.34 13.26 -16.98
CA HIS B 179 -20.87 13.20 -18.33
C HIS B 179 -22.31 13.69 -18.42
N GLY B 180 -23.23 13.13 -17.64
CA GLY B 180 -24.61 13.56 -17.67
C GLY B 180 -25.54 12.52 -17.07
N VAL B 181 -26.83 12.86 -17.11
CA VAL B 181 -27.91 12.01 -16.60
C VAL B 181 -29.06 11.98 -17.58
N TYR B 182 -29.68 10.81 -17.72
CA TYR B 182 -30.84 10.70 -18.59
C TYR B 182 -32.10 11.28 -17.96
N THR B 183 -32.17 11.40 -16.64
CA THR B 183 -33.35 12.01 -16.03
C THR B 183 -33.42 13.51 -16.25
N ASN B 184 -32.29 14.15 -16.56
CA ASN B 184 -32.23 15.58 -16.87
C ASN B 184 -31.59 15.74 -18.25
N PRO B 185 -32.38 15.69 -19.32
CA PRO B 185 -31.82 15.75 -20.67
C PRO B 185 -31.10 17.05 -20.99
N SER B 186 -31.54 18.16 -20.41
CA SER B 186 -30.87 19.43 -20.65
C SER B 186 -29.56 19.55 -19.89
N GLY B 187 -29.26 18.61 -19.01
CA GLY B 187 -28.08 18.64 -18.18
C GLY B 187 -26.88 17.86 -18.65
N ILE B 188 -26.84 17.44 -19.92
CA ILE B 188 -25.74 16.64 -20.45
C ILE B 188 -24.88 17.54 -21.33
N VAL B 189 -23.59 17.58 -21.04
CA VAL B 189 -22.61 18.21 -21.90
C VAL B 189 -21.42 17.26 -22.04
N LEU B 190 -20.95 17.06 -23.27
CA LEU B 190 -19.92 16.06 -23.49
C LEU B 190 -18.73 16.57 -24.28
N HIS B 191 -18.92 17.57 -25.13
CA HIS B 191 -17.86 18.01 -26.03
C HIS B 191 -16.80 18.70 -25.16
N PRO B 192 -15.51 18.58 -25.52
CA PRO B 192 -14.49 19.24 -24.66
C PRO B 192 -14.73 20.73 -24.43
N ALA B 193 -15.22 21.47 -25.41
CA ALA B 193 -15.39 22.91 -25.20
C ALA B 193 -16.63 23.25 -24.37
N GLY B 194 -17.50 22.28 -24.08
CA GLY B 194 -18.74 22.59 -23.38
C GLY B 194 -18.60 22.69 -21.87
N TYR B 195 -17.70 21.92 -21.28
CA TYR B 195 -17.41 22.01 -19.86
C TYR B 195 -16.30 23.00 -19.52
N GLN B 196 -15.78 23.73 -20.51
CA GLN B 196 -14.83 24.80 -20.22
C GLN B 196 -15.51 26.14 -20.05
N ASN B 197 -16.51 26.44 -20.89
CA ASN B 197 -17.21 27.72 -20.79
C ASN B 197 -18.00 27.84 -19.49
N VAL B 198 -18.63 26.74 -19.05
CA VAL B 198 -19.33 26.77 -17.77
C VAL B 198 -18.34 26.83 -16.62
N LEU B 199 -17.12 26.33 -16.83
CA LEU B 199 -16.04 26.41 -15.85
C LEU B 199 -15.11 27.58 -16.11
N ARG B 200 -15.65 28.72 -16.56
CA ARG B 200 -14.83 29.88 -16.85
C ARG B 200 -14.08 30.40 -15.63
N ASN B 201 -14.56 30.13 -14.41
CA ASN B 201 -13.95 30.67 -13.21
C ASN B 201 -12.65 29.92 -12.93
N THR B 202 -11.52 30.62 -12.93
CA THR B 202 -10.29 29.92 -12.56
C THR B 202 -10.24 29.68 -11.04
N GLU B 203 -11.04 30.43 -10.30
CA GLU B 203 -11.14 30.17 -8.86
C GLU B 203 -11.92 28.89 -8.57
N VAL B 204 -12.82 28.47 -9.47
CA VAL B 204 -13.55 27.25 -9.15
C VAL B 204 -12.71 26.01 -9.50
N MET B 205 -11.76 26.09 -10.45
CA MET B 205 -10.86 24.95 -10.46
C MET B 205 -9.79 25.09 -9.39
N ARG B 206 -9.58 26.29 -8.84
CA ARG B 206 -8.81 26.31 -7.60
C ARG B 206 -9.54 25.52 -6.52
N GLU B 207 -10.87 25.58 -6.52
CA GLU B 207 -11.68 24.76 -5.62
C GLU B 207 -11.69 23.29 -6.02
N ILE B 208 -11.23 22.93 -7.23
CA ILE B 208 -11.16 21.51 -7.53
C ILE B 208 -9.78 20.95 -7.21
N GLN B 209 -8.76 21.80 -7.01
CA GLN B 209 -7.47 21.24 -6.60
C GLN B 209 -7.59 20.39 -5.35
N LYS B 210 -8.56 20.67 -4.49
CA LYS B 210 -8.72 19.85 -3.29
C LYS B 210 -9.06 18.40 -3.61
N LEU B 211 -9.62 18.13 -4.79
CA LEU B 211 -9.86 16.74 -5.18
C LEU B 211 -8.56 16.02 -5.52
N TYR B 212 -7.76 16.56 -6.44
CA TYR B 212 -6.66 15.78 -6.97
C TYR B 212 -5.41 15.95 -6.10
N GLU B 213 -5.19 17.15 -5.55
CA GLU B 213 -4.01 17.36 -4.71
C GLU B 213 -4.10 16.54 -3.42
N ASN B 214 -5.24 16.57 -2.74
CA ASN B 214 -5.34 15.98 -1.41
C ASN B 214 -6.26 14.78 -1.36
N LYS B 215 -7.47 14.88 -1.92
CA LYS B 215 -8.42 13.79 -1.81
C LYS B 215 -7.94 12.59 -2.63
N SER B 216 -8.42 11.41 -2.24
CA SER B 216 -7.99 10.14 -2.82
C SER B 216 -9.14 9.57 -3.64
N PHE B 217 -8.91 9.36 -4.94
CA PHE B 217 -9.93 8.71 -5.75
C PHE B 217 -9.72 7.20 -5.81
N LEU B 218 -10.70 6.54 -6.42
CA LEU B 218 -10.69 5.09 -6.61
C LEU B 218 -11.49 4.81 -7.87
N PHE B 219 -10.79 4.64 -8.99
CA PHE B 219 -11.43 4.46 -10.29
C PHE B 219 -11.82 3.00 -10.44
N LEU B 220 -13.12 2.73 -10.52
CA LEU B 220 -13.64 1.39 -10.73
C LEU B 220 -14.17 1.28 -12.16
N GLY B 221 -13.77 0.21 -12.85
CA GLY B 221 -14.17 0.06 -14.24
C GLY B 221 -13.63 1.17 -15.13
N CYS B 222 -12.36 1.53 -14.95
CA CYS B 222 -11.77 2.64 -15.67
C CYS B 222 -10.50 2.21 -16.38
N GLY B 223 -9.73 3.17 -16.90
CA GLY B 223 -8.50 2.87 -17.60
C GLY B 223 -8.49 3.33 -19.05
N TRP B 224 -9.59 3.09 -19.77
CA TRP B 224 -9.83 3.79 -21.03
C TRP B 224 -10.26 5.20 -20.77
N THR B 225 -10.73 5.44 -19.56
CA THR B 225 -11.07 6.76 -19.12
C THR B 225 -9.86 7.69 -19.15
N VAL B 226 -8.73 7.29 -18.53
CA VAL B 226 -7.55 8.14 -18.54
C VAL B 226 -6.95 8.30 -19.92
N ASP B 227 -7.57 7.72 -20.95
CA ASP B 227 -7.11 7.84 -22.32
C ASP B 227 -7.76 9.00 -23.08
N ASP B 228 -9.05 9.26 -22.83
CA ASP B 228 -9.71 10.35 -23.52
C ASP B 228 -9.40 11.68 -22.82
N THR B 229 -9.86 12.78 -23.44
CA THR B 229 -9.41 14.11 -23.05
C THR B 229 -10.23 14.75 -21.94
N THR B 230 -11.36 14.17 -21.54
CA THR B 230 -12.19 14.81 -20.51
C THR B 230 -11.49 14.80 -19.16
N PHE B 231 -10.91 13.66 -18.77
CA PHE B 231 -10.24 13.59 -17.47
C PHE B 231 -8.90 14.30 -17.48
N GLN B 232 -8.19 14.29 -18.60
CA GLN B 232 -6.98 15.10 -18.70
C GLN B 232 -7.29 16.58 -18.48
N ALA B 233 -8.44 17.05 -18.96
CA ALA B 233 -8.68 18.49 -18.86
C ALA B 233 -9.38 18.87 -17.56
N LEU B 234 -10.16 17.97 -16.97
CA LEU B 234 -10.72 18.23 -15.64
C LEU B 234 -9.80 17.90 -14.48
N PHE B 235 -8.74 17.12 -14.69
CA PHE B 235 -7.90 16.69 -13.59
C PHE B 235 -6.46 17.15 -13.73
N LEU B 236 -5.82 16.92 -14.88
CA LEU B 236 -4.38 17.11 -15.03
C LEU B 236 -4.01 18.43 -15.69
N GLU B 237 -4.97 19.25 -16.10
CA GLU B 237 -4.62 20.55 -16.68
C GLU B 237 -4.07 21.51 -15.64
N ALA B 238 -4.71 21.59 -14.48
CA ALA B 238 -4.37 22.61 -13.50
C ALA B 238 -3.47 22.08 -12.39
N VAL B 239 -2.85 20.91 -12.55
CA VAL B 239 -1.92 20.42 -11.55
C VAL B 239 -0.68 19.88 -12.23
N LYS B 240 0.48 20.22 -11.67
CA LYS B 240 1.77 19.92 -12.25
C LYS B 240 2.57 18.94 -11.38
N HIS B 241 1.99 18.46 -10.28
CA HIS B 241 2.69 17.57 -9.35
C HIS B 241 2.22 16.14 -9.57
N LYS B 242 3.00 15.38 -10.34
CA LYS B 242 2.81 13.95 -10.48
C LYS B 242 3.69 13.14 -9.54
N SER B 243 4.55 13.80 -8.77
CA SER B 243 5.45 13.10 -7.87
C SER B 243 4.75 12.61 -6.61
N ASP B 244 3.76 13.35 -6.12
CA ASP B 244 3.04 13.01 -4.90
C ASP B 244 1.52 13.03 -5.11
N LEU B 245 0.99 11.90 -5.57
CA LEU B 245 -0.43 11.69 -5.71
C LEU B 245 -0.93 10.62 -4.74
N GLU B 246 -2.24 10.62 -4.48
CA GLU B 246 -2.86 9.70 -3.54
C GLU B 246 -4.12 9.07 -4.17
N HIS B 247 -4.05 8.56 -5.39
CA HIS B 247 -5.25 8.14 -6.13
C HIS B 247 -5.19 6.67 -6.46
N PHE B 248 -6.36 6.05 -6.67
CA PHE B 248 -6.18 4.62 -6.73
C PHE B 248 -7.06 4.15 -7.91
N MET B 249 -6.94 2.88 -8.32
CA MET B 249 -7.81 2.43 -9.41
C MET B 249 -7.76 0.90 -9.52
N LEU B 250 -8.89 0.28 -9.88
CA LEU B 250 -9.06 -1.17 -9.89
C LEU B 250 -9.51 -1.64 -11.27
N VAL B 251 -8.78 -2.57 -11.89
CA VAL B 251 -9.18 -3.21 -13.14
C VAL B 251 -8.81 -4.70 -13.10
N ARG B 252 -9.04 -5.37 -14.22
CA ARG B 252 -8.86 -6.81 -14.31
C ARG B 252 -7.37 -7.12 -14.52
N ARG B 253 -7.00 -8.39 -14.35
CA ARG B 253 -5.69 -8.84 -14.81
C ARG B 253 -5.83 -9.36 -16.23
N GLY B 254 -4.80 -10.06 -16.71
CA GLY B 254 -4.90 -10.75 -17.98
C GLY B 254 -3.55 -11.06 -18.58
N ASP B 255 -3.44 -10.86 -19.90
CA ASP B 255 -2.13 -10.87 -20.56
C ASP B 255 -1.16 -9.90 -19.88
N VAL B 256 0.07 -10.38 -19.68
CA VAL B 256 1.06 -9.64 -18.91
C VAL B 256 1.54 -8.40 -19.65
N ASP B 257 1.51 -8.42 -20.99
CA ASP B 257 2.07 -7.31 -21.76
C ASP B 257 1.27 -6.02 -21.56
N GLU B 258 -0.05 -6.05 -21.78
CA GLU B 258 -0.83 -4.85 -21.49
C GLU B 258 -0.90 -4.59 -20.01
N PHE B 259 -0.73 -5.62 -19.19
CA PHE B 259 -0.64 -5.40 -17.75
C PHE B 259 0.49 -4.43 -17.43
N LYS B 260 1.70 -4.72 -17.91
CA LYS B 260 2.80 -3.81 -17.62
C LYS B 260 2.67 -2.51 -18.42
N LYS B 261 1.99 -2.55 -19.56
CA LYS B 261 1.78 -1.31 -20.33
C LYS B 261 0.90 -0.33 -19.54
N LEU B 262 -0.24 -0.80 -19.04
CA LEU B 262 -1.07 0.04 -18.20
C LEU B 262 -0.32 0.44 -16.94
N ARG B 263 0.37 -0.53 -16.32
CA ARG B 263 1.24 -0.23 -15.20
C ARG B 263 2.08 1.01 -15.46
N GLU B 264 2.90 0.98 -16.51
CA GLU B 264 3.83 2.07 -16.74
C GLU B 264 3.11 3.36 -17.11
N ASN B 265 2.05 3.31 -17.93
CA ASN B 265 1.51 4.59 -18.41
C ASN B 265 0.73 5.31 -17.31
N MET B 266 0.07 4.57 -16.42
CA MET B 266 -0.62 5.24 -15.33
C MET B 266 0.22 5.34 -14.06
N LEU B 267 1.45 4.80 -14.06
CA LEU B 267 2.46 5.30 -13.14
C LEU B 267 3.03 6.62 -13.64
N ASP B 268 3.15 6.77 -14.95
CA ASP B 268 3.46 8.09 -15.52
C ASP B 268 2.37 9.09 -15.16
N LYS B 269 1.11 8.67 -15.26
CA LYS B 269 0.02 9.51 -14.74
C LYS B 269 0.13 9.65 -13.22
N GLY B 270 0.41 8.55 -12.51
CA GLY B 270 0.67 8.61 -11.09
C GLY B 270 -0.36 7.98 -10.17
N ILE B 271 -1.04 6.93 -10.63
CA ILE B 271 -2.06 6.24 -9.85
C ILE B 271 -1.48 4.88 -9.50
N LYS B 272 -2.02 4.20 -8.49
CA LYS B 272 -1.44 2.89 -8.22
C LYS B 272 -2.21 1.84 -9.01
N VAL B 273 -1.57 0.70 -9.25
CA VAL B 273 -2.16 -0.36 -10.08
C VAL B 273 -2.74 -1.44 -9.17
N ILE B 274 -3.95 -1.88 -9.48
CA ILE B 274 -4.49 -3.06 -8.82
C ILE B 274 -5.19 -3.89 -9.89
N SER B 275 -4.70 -5.10 -10.13
CA SER B 275 -5.40 -6.09 -10.92
C SER B 275 -5.44 -7.36 -10.09
N TYR B 276 -6.58 -8.01 -10.08
CA TYR B 276 -6.80 -9.07 -9.11
C TYR B 276 -7.02 -10.46 -9.74
N GLY B 277 -8.04 -10.66 -10.58
CA GLY B 277 -8.26 -11.98 -11.15
C GLY B 277 -8.90 -12.12 -12.51
N ASP B 278 -9.36 -11.02 -13.13
CA ASP B 278 -10.08 -11.06 -14.42
C ASP B 278 -11.15 -12.14 -14.46
N ASP B 279 -11.64 -12.59 -13.31
CA ASP B 279 -12.67 -13.62 -13.26
C ASP B 279 -14.07 -13.08 -13.38
N TYR B 280 -14.23 -11.75 -13.30
CA TYR B 280 -15.51 -11.06 -13.34
C TYR B 280 -16.41 -11.44 -12.16
N ALA B 281 -15.91 -12.24 -11.21
CA ALA B 281 -16.72 -12.73 -10.09
C ALA B 281 -16.02 -12.71 -8.74
N ASP B 282 -14.72 -12.44 -8.70
CA ASP B 282 -14.00 -12.08 -7.48
C ASP B 282 -13.92 -10.58 -7.19
N LEU B 283 -14.19 -9.71 -8.17
CA LEU B 283 -14.41 -8.30 -7.84
C LEU B 283 -15.52 -8.07 -6.82
N PRO B 284 -16.69 -8.73 -6.89
CA PRO B 284 -17.70 -8.48 -5.85
C PRO B 284 -17.22 -8.76 -4.44
N GLU B 285 -16.71 -9.96 -4.17
CA GLU B 285 -16.25 -10.26 -2.82
C GLU B 285 -15.09 -9.37 -2.42
N TYR B 286 -14.17 -9.10 -3.35
CA TYR B 286 -12.99 -8.32 -2.98
C TYR B 286 -13.39 -6.88 -2.67
N PHE B 287 -14.26 -6.28 -3.49
CA PHE B 287 -14.64 -4.90 -3.25
C PHE B 287 -15.59 -4.76 -2.05
N LYS B 288 -16.44 -5.77 -1.80
CA LYS B 288 -17.31 -5.68 -0.63
C LYS B 288 -16.51 -5.89 0.65
N ARG B 289 -15.50 -6.75 0.63
CA ARG B 289 -14.62 -6.74 1.78
C ARG B 289 -14.03 -5.36 1.92
N LEU B 290 -13.37 -4.83 0.85
CA LEU B 290 -12.78 -3.50 0.93
C LEU B 290 -13.70 -2.50 1.63
N THR B 291 -14.95 -2.42 1.17
CA THR B 291 -15.88 -1.49 1.78
C THR B 291 -16.12 -1.79 3.25
N CYS B 292 -16.25 -3.07 3.64
CA CYS B 292 -16.59 -3.33 5.02
C CYS B 292 -15.42 -3.03 5.96
N GLU B 293 -14.18 -3.37 5.60
CA GLU B 293 -13.12 -2.98 6.53
C GLU B 293 -13.03 -1.46 6.58
N ILE B 294 -13.17 -0.77 5.44
CA ILE B 294 -13.19 0.69 5.46
C ILE B 294 -14.24 1.24 6.39
N SER B 295 -15.45 0.69 6.36
CA SER B 295 -16.50 1.18 7.24
C SER B 295 -16.17 0.89 8.71
N THR B 296 -15.60 -0.29 8.99
CA THR B 296 -15.34 -0.67 10.38
C THR B 296 -14.20 0.15 11.00
N ARG B 297 -13.07 0.25 10.32
CA ARG B 297 -12.01 1.14 10.75
C ARG B 297 -12.40 2.62 10.64
N GLY B 298 -13.53 2.93 10.00
CA GLY B 298 -14.01 4.29 9.79
C GLY B 298 -15.09 4.78 10.74
#